data_5Z2E
#
_entry.id   5Z2E
#
_cell.length_a   105.855
_cell.length_b   105.855
_cell.length_c   101.472
_cell.angle_alpha   90.00
_cell.angle_beta   90.00
_cell.angle_gamma   120.00
#
_symmetry.space_group_name_H-M   'P 64 2 2'
#
loop_
_entity.id
_entity.type
_entity.pdbx_description
1 polymer 'Dihydrodipicolinate reductase'
2 non-polymer 'PYRIDINE-2,6-DICARBOXYLIC ACID'
3 water water
#
_entity_poly.entity_id   1
_entity_poly.type   'polypeptide(L)'
_entity_poly.pdbx_seq_one_letter_code
;MMIRVAIGGPRGKMGQEAVHTVMNNENMELVAVLDHKDIGDLLSESPNFPASYEVPVFLNLESLIVTIKPDVFLDLTTPH
QVFEHTMLCLQNNVRPVIGTTGFTDEQLQQCTILAEVNKLGCIVAPNFAIGAVLMMKFASLAAAYFPDVEIIEMHHDQKL
DAPSGTAYKTAQMIAEVRPSHKQGHPNEKETLEGARGASYDGIPIHSVRLPGLIAHQQILFGGEGQLFTLRHDSYNRQSF
MSGVTFSINQVMEIKELVYGLENIL
;
_entity_poly.pdbx_strand_id   A
#
loop_
_chem_comp.id
_chem_comp.type
_chem_comp.name
_chem_comp.formula
PDC non-polymer 'PYRIDINE-2,6-DICARBOXYLIC ACID' 'C7 H5 N O4'
#
# COMPACT_ATOMS: atom_id res chain seq x y z
N MET A 1 13.70 20.68 -3.59
CA MET A 1 14.19 21.21 -2.29
C MET A 1 14.09 19.96 -1.34
N MET A 2 14.71 20.10 -0.19
CA MET A 2 14.62 19.10 0.82
C MET A 2 13.18 18.88 1.17
N ILE A 3 12.82 17.66 1.55
CA ILE A 3 11.46 17.41 1.94
C ILE A 3 11.50 17.00 3.42
N ARG A 4 10.85 17.82 4.23
CA ARG A 4 10.77 17.62 5.69
C ARG A 4 9.54 16.76 6.04
N VAL A 5 9.81 15.57 6.56
CA VAL A 5 8.83 14.51 6.72
C VAL A 5 8.55 14.27 8.20
N ALA A 6 7.25 14.17 8.55
CA ALA A 6 6.87 13.60 9.84
C ALA A 6 6.14 12.28 9.66
N ILE A 7 6.37 11.35 10.56
CA ILE A 7 5.78 10.00 10.44
C ILE A 7 4.86 9.71 11.60
N GLY A 8 3.64 9.29 11.31
CA GLY A 8 2.78 8.81 12.29
C GLY A 8 2.84 7.33 12.45
N GLY A 9 3.07 6.86 13.66
CA GLY A 9 3.22 5.45 13.94
C GLY A 9 4.59 4.90 13.58
N PRO A 10 5.65 5.50 14.17
CA PRO A 10 7.00 5.07 13.80
C PRO A 10 7.40 3.68 14.30
N ARG A 11 6.72 3.18 15.32
CA ARG A 11 7.10 1.93 15.98
C ARG A 11 6.50 0.67 15.40
N GLY A 12 5.60 0.83 14.46
CA GLY A 12 5.04 -0.32 13.76
C GLY A 12 6.08 -1.02 12.87
N LYS A 13 5.76 -2.24 12.41
CA LYS A 13 6.75 -2.96 11.57
C LYS A 13 7.03 -2.16 10.30
N MET A 14 6.00 -1.65 9.70
CA MET A 14 6.11 -0.81 8.57
C MET A 14 6.80 0.53 8.98
N GLY A 15 6.35 1.11 10.10
CA GLY A 15 6.84 2.37 10.60
C GLY A 15 8.34 2.37 10.82
N GLN A 16 8.84 1.28 11.40
CA GLN A 16 10.25 1.19 11.62
C GLN A 16 11.04 1.26 10.30
N GLU A 17 10.55 0.58 9.29
CA GLU A 17 11.19 0.62 7.98
C GLU A 17 11.10 2.01 7.35
N ALA A 18 9.94 2.62 7.50
CA ALA A 18 9.75 3.95 6.95
C ALA A 18 10.64 4.96 7.60
N VAL A 19 10.83 4.85 8.91
CA VAL A 19 11.79 5.70 9.59
C VAL A 19 13.19 5.58 8.95
N HIS A 20 13.63 4.36 8.79
CA HIS A 20 15.00 4.10 8.28
C HIS A 20 15.08 4.66 6.83
N THR A 21 14.07 4.39 6.04
CA THR A 21 14.00 4.88 4.64
C THR A 21 14.12 6.41 4.57
N VAL A 22 13.26 7.10 5.33
CA VAL A 22 13.30 8.56 5.30
C VAL A 22 14.64 9.04 5.81
N MET A 23 15.16 8.44 6.90
CA MET A 23 16.45 8.90 7.40
C MET A 23 17.57 8.68 6.39
N ASN A 24 17.45 7.66 5.54
CA ASN A 24 18.52 7.37 4.59
C ASN A 24 18.36 8.02 3.24
N ASN A 25 17.21 8.58 2.90
CA ASN A 25 16.99 9.23 1.67
C ASN A 25 17.68 10.59 1.70
N GLU A 26 18.51 10.84 0.67
CA GLU A 26 19.35 12.09 0.66
C GLU A 26 18.55 13.35 0.74
N ASN A 27 17.40 13.41 0.07
CA ASN A 27 16.64 14.61 -0.07
C ASN A 27 15.50 14.77 0.96
N MET A 28 15.49 13.88 1.94
CA MET A 28 14.46 13.89 2.99
C MET A 28 15.09 14.04 4.35
N GLU A 29 14.33 14.68 5.27
CA GLU A 29 14.75 14.80 6.66
C GLU A 29 13.54 14.39 7.53
N LEU A 30 13.75 13.46 8.40
CA LEU A 30 12.73 13.10 9.42
C LEU A 30 12.79 14.17 10.52
N VAL A 31 11.70 14.90 10.66
CA VAL A 31 11.66 16.07 11.55
C VAL A 31 10.77 15.92 12.77
N ALA A 32 9.94 14.88 12.81
CA ALA A 32 9.02 14.63 13.95
C ALA A 32 8.32 13.32 13.78
N VAL A 33 7.83 12.78 14.87
CA VAL A 33 6.92 11.63 14.79
C VAL A 33 5.65 11.92 15.61
N LEU A 34 4.55 11.31 15.18
CA LEU A 34 3.33 11.29 15.98
C LEU A 34 3.26 9.92 16.57
N ASP A 35 3.23 9.81 17.88
CA ASP A 35 3.39 8.51 18.52
C ASP A 35 2.76 8.52 19.91
N HIS A 36 2.25 7.38 20.32
CA HIS A 36 1.93 7.13 21.71
C HIS A 36 1.74 5.68 21.94
N LYS A 37 1.92 5.36 23.19
CA LYS A 37 2.05 3.93 23.61
C LYS A 37 0.83 3.46 24.38
N ASP A 38 0.65 2.15 24.49
CA ASP A 38 -0.43 1.62 25.37
C ASP A 38 -0.03 1.90 26.79
N ILE A 39 -0.99 2.31 27.64
CA ILE A 39 -0.69 2.58 29.01
C ILE A 39 -0.10 1.40 29.77
N GLY A 40 -0.26 0.20 29.27
CA GLY A 40 0.35 -0.96 29.94
C GLY A 40 1.62 -1.50 29.37
N ASP A 41 2.19 -0.79 28.42
CA ASP A 41 3.37 -1.24 27.66
C ASP A 41 4.52 -1.04 28.64
N LEU A 42 5.12 -2.11 29.18
CA LEU A 42 6.38 -2.01 29.93
C LEU A 42 7.44 -1.54 28.98
N LEU A 43 8.27 -0.60 29.42
CA LEU A 43 9.39 -0.14 28.54
C LEU A 43 10.39 -1.23 28.13
N SER A 44 10.61 -2.19 29.05
CA SER A 44 11.50 -3.34 28.85
C SER A 44 11.03 -4.25 27.68
N GLU A 45 9.74 -4.35 27.45
CA GLU A 45 9.19 -5.11 26.34
C GLU A 45 8.85 -4.20 25.14
N SER A 46 8.45 -2.94 25.37
CA SER A 46 7.83 -2.13 24.30
C SER A 46 8.46 -0.76 24.42
N PRO A 47 9.71 -0.62 23.90
CA PRO A 47 10.44 0.62 24.18
C PRO A 47 9.80 1.88 23.55
N ASN A 48 10.12 3.02 24.11
CA ASN A 48 9.70 4.31 23.55
C ASN A 48 10.39 4.51 22.19
N PHE A 49 9.84 5.31 21.31
CA PHE A 49 10.61 5.75 20.13
C PHE A 49 11.89 6.43 20.67
N PRO A 50 13.06 6.19 20.09
CA PRO A 50 14.31 6.64 20.81
C PRO A 50 14.41 8.15 20.85
N ALA A 51 14.77 8.70 22.00
CA ALA A 51 14.75 10.16 22.26
C ALA A 51 15.86 10.79 21.45
N SER A 52 15.50 11.89 20.74
CA SER A 52 16.49 12.66 20.01
C SER A 52 16.01 14.12 19.86
N TYR A 53 16.96 15.03 19.79
CA TYR A 53 16.65 16.40 19.47
C TYR A 53 16.17 16.59 18.05
N GLU A 54 16.62 15.74 17.14
CA GLU A 54 16.31 15.94 15.76
C GLU A 54 14.89 15.45 15.39
N VAL A 55 14.35 14.53 16.16
CA VAL A 55 13.05 13.91 15.86
C VAL A 55 12.22 13.93 17.13
N PRO A 56 11.59 15.06 17.40
CA PRO A 56 10.69 15.18 18.54
C PRO A 56 9.42 14.34 18.41
N VAL A 57 8.93 13.85 19.54
CA VAL A 57 7.72 12.99 19.55
C VAL A 57 6.54 13.83 19.98
N PHE A 58 5.47 13.84 19.20
CA PHE A 58 4.22 14.56 19.55
C PHE A 58 3.11 13.51 19.76
N LEU A 59 2.22 13.86 20.70
CA LEU A 59 0.99 13.09 20.87
C LEU A 59 -0.18 13.62 20.03
N ASN A 60 -0.15 14.87 19.69
CA ASN A 60 -1.24 15.52 19.02
C ASN A 60 -0.73 16.03 17.63
N LEU A 61 -1.43 15.67 16.59
CA LEU A 61 -1.02 16.12 15.26
C LEU A 61 -1.11 17.61 15.01
N GLU A 62 -2.15 18.27 15.58
CA GLU A 62 -2.24 19.70 15.40
C GLU A 62 -1.03 20.40 15.92
N SER A 63 -0.56 19.93 17.06
CA SER A 63 0.63 20.48 17.68
C SER A 63 1.92 20.21 16.89
N LEU A 64 2.02 19.01 16.37
CA LEU A 64 3.13 18.71 15.52
C LEU A 64 3.17 19.65 14.32
N ILE A 65 2.05 19.82 13.63
CA ILE A 65 1.95 20.63 12.48
C ILE A 65 2.34 22.07 12.72
N VAL A 66 1.77 22.64 13.77
CA VAL A 66 2.07 24.05 14.09
C VAL A 66 3.46 24.27 14.54
N THR A 67 4.05 23.33 15.25
CA THR A 67 5.37 23.48 15.80
C THR A 67 6.47 23.19 14.78
N ILE A 68 6.25 22.17 13.96
CA ILE A 68 7.32 21.63 13.05
C ILE A 68 7.10 22.04 11.61
N LYS A 69 5.88 22.25 11.22
CA LYS A 69 5.50 22.62 9.86
C LYS A 69 6.17 21.70 8.85
N PRO A 70 5.88 20.38 8.96
CA PRO A 70 6.49 19.46 8.01
C PRO A 70 5.91 19.71 6.62
N ASP A 71 6.67 19.37 5.57
CA ASP A 71 6.16 19.37 4.22
C ASP A 71 5.13 18.26 3.98
N VAL A 72 5.44 17.09 4.51
CA VAL A 72 4.71 15.84 4.32
C VAL A 72 4.50 15.14 5.65
N PHE A 73 3.31 14.57 5.78
CA PHE A 73 2.98 13.71 6.88
C PHE A 73 2.71 12.32 6.33
N LEU A 74 3.49 11.33 6.72
CA LEU A 74 3.32 9.93 6.34
C LEU A 74 2.56 9.22 7.45
N ASP A 75 1.32 8.86 7.17
CA ASP A 75 0.43 8.26 8.16
C ASP A 75 0.41 6.73 8.08
N LEU A 76 1.04 6.08 9.07
CA LEU A 76 1.10 4.67 9.21
C LEU A 76 0.41 4.29 10.48
N THR A 77 -0.66 5.02 10.80
CA THR A 77 -1.40 4.75 12.02
C THR A 77 -2.57 3.75 11.71
N THR A 78 -3.81 4.08 12.00
CA THR A 78 -4.90 3.03 11.92
C THR A 78 -6.06 3.54 11.11
N PRO A 79 -6.88 2.64 10.62
CA PRO A 79 -8.00 3.09 9.79
C PRO A 79 -8.91 4.09 10.50
N HIS A 80 -9.11 3.97 11.81
CA HIS A 80 -10.02 4.88 12.50
C HIS A 80 -9.45 6.28 12.66
N GLN A 81 -8.15 6.50 12.36
CA GLN A 81 -7.58 7.85 12.54
C GLN A 81 -7.25 8.57 11.22
N VAL A 82 -7.25 7.88 10.09
CA VAL A 82 -6.73 8.44 8.87
C VAL A 82 -7.54 9.66 8.38
N PHE A 83 -8.86 9.56 8.48
CA PHE A 83 -9.63 10.68 7.97
C PHE A 83 -9.32 11.99 8.73
N GLU A 84 -9.36 11.92 10.06
CA GLU A 84 -9.11 13.14 10.86
C GLU A 84 -7.69 13.70 10.58
N HIS A 85 -6.72 12.79 10.47
CA HIS A 85 -5.38 13.19 10.08
C HIS A 85 -5.28 13.86 8.71
N THR A 86 -5.89 13.28 7.71
CA THR A 86 -5.82 13.77 6.39
C THR A 86 -6.40 15.16 6.28
N MET A 87 -7.58 15.31 6.85
CA MET A 87 -8.26 16.64 6.82
C MET A 87 -7.42 17.69 7.54
N LEU A 88 -6.87 17.35 8.65
CA LEU A 88 -6.05 18.30 9.40
C LEU A 88 -4.82 18.75 8.60
N CYS A 89 -4.12 17.78 7.97
CA CYS A 89 -3.02 18.15 7.09
C CYS A 89 -3.44 19.06 5.93
N LEU A 90 -4.48 18.66 5.21
CA LEU A 90 -4.93 19.39 4.06
C LEU A 90 -5.34 20.85 4.36
N GLN A 91 -5.85 21.05 5.53
CA GLN A 91 -6.20 22.43 5.94
C GLN A 91 -5.05 23.23 6.44
N ASN A 92 -3.85 22.65 6.58
CA ASN A 92 -2.70 23.33 7.10
C ASN A 92 -1.49 23.27 6.14
N ASN A 93 -1.76 23.10 4.86
CA ASN A 93 -0.73 23.12 3.87
C ASN A 93 0.31 21.98 4.09
N VAL A 94 -0.14 20.84 4.65
CA VAL A 94 0.77 19.65 4.78
C VAL A 94 0.24 18.61 3.84
N ARG A 95 1.16 18.03 3.02
CA ARG A 95 0.75 16.94 2.11
C ARG A 95 0.69 15.62 2.86
N PRO A 96 -0.46 14.97 2.90
CA PRO A 96 -0.52 13.71 3.58
C PRO A 96 -0.31 12.54 2.60
N VAL A 97 0.50 11.59 3.04
CA VAL A 97 0.67 10.29 2.36
C VAL A 97 0.18 9.25 3.33
N ILE A 98 -0.91 8.56 2.96
CA ILE A 98 -1.59 7.71 3.90
C ILE A 98 -1.35 6.22 3.52
N GLY A 99 -0.78 5.48 4.43
CA GLY A 99 -0.43 4.09 4.24
C GLY A 99 -1.32 3.06 4.82
N THR A 100 -2.55 3.40 5.09
CA THR A 100 -3.60 2.38 5.41
C THR A 100 -4.92 2.81 4.92
N THR A 101 -5.79 1.82 4.70
CA THR A 101 -7.18 2.06 4.27
C THR A 101 -7.96 2.55 5.46
N GLY A 102 -9.20 2.89 5.24
CA GLY A 102 -10.07 3.17 6.34
C GLY A 102 -11.02 4.34 6.15
N PHE A 103 -10.98 4.96 4.99
CA PHE A 103 -11.88 6.06 4.70
C PHE A 103 -13.26 5.49 4.39
N THR A 104 -14.33 6.20 4.77
CA THR A 104 -15.62 5.90 4.13
C THR A 104 -15.65 6.49 2.78
N ASP A 105 -16.66 6.11 1.98
CA ASP A 105 -16.84 6.79 0.73
C ASP A 105 -16.94 8.31 0.91
N GLU A 106 -17.73 8.70 1.92
CA GLU A 106 -18.02 10.12 2.14
C GLU A 106 -16.77 10.85 2.62
N GLN A 107 -16.05 10.17 3.50
CA GLN A 107 -14.75 10.69 3.99
C GLN A 107 -13.77 10.92 2.87
N LEU A 108 -13.64 9.97 1.94
CA LEU A 108 -12.70 10.14 0.86
C LEU A 108 -13.07 11.26 -0.06
N GLN A 109 -14.38 11.46 -0.26
CA GLN A 109 -14.85 12.50 -1.10
C GLN A 109 -14.48 13.87 -0.46
N GLN A 110 -14.71 14.02 0.82
CA GLN A 110 -14.33 15.23 1.47
C GLN A 110 -12.83 15.57 1.32
N CYS A 111 -11.95 14.57 1.60
CA CYS A 111 -10.50 14.80 1.41
C CYS A 111 -10.18 15.11 -0.04
N THR A 112 -10.81 14.45 -1.01
CA THR A 112 -10.51 14.66 -2.42
C THR A 112 -10.85 16.09 -2.84
N ILE A 113 -12.04 16.52 -2.40
CA ILE A 113 -12.49 17.87 -2.75
C ILE A 113 -11.64 18.90 -2.10
N LEU A 114 -11.25 18.67 -0.84
CA LEU A 114 -10.44 19.64 -0.15
C LEU A 114 -9.04 19.74 -0.77
N ALA A 115 -8.45 18.59 -1.05
CA ALA A 115 -7.18 18.63 -1.74
C ALA A 115 -7.24 19.45 -3.05
N GLU A 116 -8.31 19.27 -3.81
CA GLU A 116 -8.42 19.91 -5.11
C GLU A 116 -8.56 21.39 -4.93
N VAL A 117 -9.42 21.81 -4.00
CA VAL A 117 -9.56 23.27 -3.80
C VAL A 117 -8.30 23.92 -3.27
N ASN A 118 -7.53 23.26 -2.38
CA ASN A 118 -6.30 23.75 -1.83
C ASN A 118 -5.07 23.56 -2.76
N LYS A 119 -5.31 22.91 -3.89
CA LYS A 119 -4.23 22.51 -4.84
C LYS A 119 -3.06 21.89 -4.11
N LEU A 120 -3.37 20.89 -3.32
CA LEU A 120 -2.35 20.28 -2.47
C LEU A 120 -2.42 18.79 -2.72
N GLY A 121 -1.26 18.18 -2.90
CA GLY A 121 -1.16 16.74 -3.09
C GLY A 121 -1.51 15.84 -1.91
N CYS A 122 -2.16 14.72 -2.20
CA CYS A 122 -2.41 13.70 -1.20
C CYS A 122 -2.33 12.36 -1.93
N ILE A 123 -1.58 11.42 -1.36
CA ILE A 123 -1.54 10.05 -1.86
C ILE A 123 -2.05 9.09 -0.85
N VAL A 124 -3.03 8.25 -1.21
CA VAL A 124 -3.48 7.18 -0.38
C VAL A 124 -2.92 5.90 -1.02
N ALA A 125 -2.10 5.17 -0.28
CA ALA A 125 -1.43 3.99 -0.86
C ALA A 125 -1.75 2.73 -0.04
N PRO A 126 -2.75 1.97 -0.47
CA PRO A 126 -3.06 0.67 0.17
C PRO A 126 -1.95 -0.36 -0.01
N ASN A 127 -1.08 -0.15 -0.96
CA ASN A 127 0.08 -1.00 -1.16
C ASN A 127 1.23 -0.10 -1.61
N PHE A 128 2.25 -0.06 -0.77
CA PHE A 128 3.44 0.70 -1.09
C PHE A 128 4.47 -0.10 -1.93
N ALA A 129 4.27 -1.41 -2.14
CA ALA A 129 5.40 -2.12 -2.84
C ALA A 129 5.34 -1.84 -4.33
N ILE A 130 6.27 -1.03 -4.88
CA ILE A 130 6.17 -0.67 -6.27
C ILE A 130 6.17 -1.88 -7.14
N GLY A 131 6.88 -2.94 -6.73
CA GLY A 131 6.93 -4.11 -7.66
C GLY A 131 5.61 -4.79 -7.73
N ALA A 132 4.96 -4.85 -6.58
CA ALA A 132 3.58 -5.39 -6.56
C ALA A 132 2.58 -4.54 -7.31
N VAL A 133 2.63 -3.22 -7.16
CA VAL A 133 1.75 -2.37 -7.90
C VAL A 133 1.99 -2.33 -9.39
N LEU A 134 3.26 -2.30 -9.82
CA LEU A 134 3.58 -2.46 -11.26
C LEU A 134 3.08 -3.73 -11.79
N MET A 135 3.28 -4.80 -11.00
CA MET A 135 2.73 -6.07 -11.45
C MET A 135 1.23 -5.94 -11.80
N MET A 136 0.45 -5.34 -10.87
CA MET A 136 -0.97 -5.22 -11.05
C MET A 136 -1.33 -4.28 -12.23
N LYS A 137 -0.66 -3.16 -12.26
CA LYS A 137 -0.89 -2.17 -13.35
C LYS A 137 -0.62 -2.80 -14.73
N PHE A 138 0.55 -3.48 -14.80
CA PHE A 138 0.89 -4.12 -16.08
C PHE A 138 -0.05 -5.26 -16.45
N ALA A 139 -0.51 -6.00 -15.42
CA ALA A 139 -1.48 -7.04 -15.67
C ALA A 139 -2.75 -6.49 -16.27
N SER A 140 -3.18 -5.38 -15.77
CA SER A 140 -4.45 -4.87 -16.33
C SER A 140 -4.27 -4.37 -17.77
N LEU A 141 -3.10 -3.88 -18.11
CA LEU A 141 -2.75 -3.57 -19.55
C LEU A 141 -2.61 -4.78 -20.40
N ALA A 142 -1.89 -5.78 -19.91
CA ALA A 142 -1.80 -7.03 -20.61
C ALA A 142 -3.10 -7.76 -20.90
N ALA A 143 -4.06 -7.65 -19.99
CA ALA A 143 -5.31 -8.32 -20.13
C ALA A 143 -6.10 -7.84 -21.36
N ALA A 144 -5.78 -6.66 -21.88
CA ALA A 144 -6.38 -6.25 -23.19
C ALA A 144 -6.00 -7.15 -24.38
N TYR A 145 -4.84 -7.77 -24.31
CA TYR A 145 -4.28 -8.64 -25.33
C TYR A 145 -4.33 -10.07 -25.06
N PHE A 146 -4.34 -10.46 -23.77
CA PHE A 146 -4.42 -11.85 -23.37
C PHE A 146 -5.52 -11.99 -22.33
N PRO A 147 -6.74 -12.27 -22.79
CA PRO A 147 -7.85 -12.36 -21.84
C PRO A 147 -7.85 -13.58 -20.91
N ASP A 148 -7.06 -14.63 -21.22
CA ASP A 148 -7.02 -15.83 -20.41
C ASP A 148 -5.84 -15.72 -19.44
N VAL A 149 -6.18 -15.71 -18.16
CA VAL A 149 -5.16 -15.42 -17.12
C VAL A 149 -5.46 -16.21 -15.86
N GLU A 150 -4.40 -16.57 -15.14
CA GLU A 150 -4.53 -17.11 -13.80
C GLU A 150 -3.54 -16.41 -12.87
N ILE A 151 -3.94 -16.38 -11.60
CA ILE A 151 -3.13 -15.80 -10.56
C ILE A 151 -2.71 -16.91 -9.57
N ILE A 152 -1.43 -17.01 -9.25
CA ILE A 152 -0.89 -17.89 -8.23
C ILE A 152 -0.20 -16.99 -7.19
N GLU A 153 -0.65 -17.09 -5.93
CA GLU A 153 -0.03 -16.26 -4.87
C GLU A 153 0.46 -17.21 -3.85
N MET A 154 1.59 -16.88 -3.21
CA MET A 154 2.20 -17.74 -2.27
C MET A 154 2.66 -16.94 -1.08
N HIS A 155 2.36 -17.47 0.11
CA HIS A 155 2.71 -16.81 1.34
C HIS A 155 3.20 -17.86 2.35
N HIS A 156 3.78 -17.35 3.43
CA HIS A 156 4.08 -18.21 4.59
C HIS A 156 2.86 -18.89 5.11
N ASP A 157 3.09 -19.96 5.89
CA ASP A 157 2.04 -20.80 6.45
C ASP A 157 1.41 -20.40 7.78
N GLN A 158 1.60 -19.15 8.17
CA GLN A 158 0.86 -18.50 9.22
C GLN A 158 -0.21 -17.58 8.76
N LYS A 159 -0.40 -17.42 7.42
CA LYS A 159 -1.37 -16.51 6.90
C LYS A 159 -2.77 -17.06 7.01
N LEU A 160 -3.68 -16.24 7.54
CA LEU A 160 -5.03 -16.66 7.83
C LEU A 160 -5.97 -16.55 6.66
N ASP A 161 -5.74 -15.65 5.70
CA ASP A 161 -6.74 -15.51 4.67
C ASP A 161 -6.24 -16.03 3.32
N ALA A 162 -7.11 -16.73 2.59
CA ALA A 162 -6.88 -17.08 1.21
C ALA A 162 -8.11 -16.79 0.34
N PRO A 163 -7.98 -16.10 -0.77
CA PRO A 163 -6.71 -15.60 -1.28
C PRO A 163 -6.28 -14.31 -0.59
N SER A 164 -5.05 -13.92 -0.83
CA SER A 164 -4.49 -12.67 -0.36
C SER A 164 -5.19 -11.47 -0.86
N GLY A 165 -4.99 -10.39 -0.09
CA GLY A 165 -5.56 -9.11 -0.49
C GLY A 165 -4.98 -8.66 -1.81
N THR A 166 -3.67 -8.84 -1.99
CA THR A 166 -3.05 -8.53 -3.27
C THR A 166 -3.64 -9.28 -4.44
N ALA A 167 -3.94 -10.56 -4.25
CA ALA A 167 -4.51 -11.34 -5.31
C ALA A 167 -5.91 -10.83 -5.67
N TYR A 168 -6.68 -10.53 -4.63
CA TYR A 168 -8.02 -9.97 -4.85
C TYR A 168 -7.94 -8.64 -5.63
N LYS A 169 -7.08 -7.75 -5.20
CA LYS A 169 -6.97 -6.47 -5.87
C LYS A 169 -6.52 -6.62 -7.35
N THR A 170 -5.58 -7.55 -7.53
CA THR A 170 -5.07 -7.86 -8.85
C THR A 170 -6.20 -8.29 -9.77
N ALA A 171 -7.04 -9.23 -9.25
CA ALA A 171 -8.16 -9.76 -10.03
C ALA A 171 -9.14 -8.62 -10.35
N GLN A 172 -9.37 -7.72 -9.37
CA GLN A 172 -10.29 -6.59 -9.56
C GLN A 172 -9.77 -5.66 -10.67
N MET A 173 -8.45 -5.42 -10.64
CA MET A 173 -7.86 -4.55 -11.62
C MET A 173 -7.92 -5.17 -13.01
N ILE A 174 -7.58 -6.45 -13.14
CA ILE A 174 -7.69 -7.14 -14.41
C ILE A 174 -9.15 -7.07 -14.94
N ALA A 175 -10.09 -7.31 -14.06
CA ALA A 175 -11.48 -7.44 -14.42
C ALA A 175 -12.05 -6.10 -14.93
N GLU A 176 -11.36 -5.00 -14.73
CA GLU A 176 -11.77 -3.73 -15.33
C GLU A 176 -11.61 -3.75 -16.87
N VAL A 177 -10.68 -4.55 -17.38
CA VAL A 177 -10.24 -4.57 -18.74
C VAL A 177 -10.67 -5.82 -19.43
N ARG A 178 -10.49 -6.95 -18.78
CA ARG A 178 -10.77 -8.28 -19.33
C ARG A 178 -12.26 -8.57 -19.42
N PRO A 179 -12.75 -8.98 -20.57
CA PRO A 179 -14.19 -9.30 -20.65
C PRO A 179 -14.48 -10.47 -19.75
N SER A 180 -15.62 -10.43 -19.09
CA SER A 180 -15.93 -11.47 -18.11
C SER A 180 -16.16 -12.80 -18.79
N HIS A 181 -15.40 -13.82 -18.40
CA HIS A 181 -15.54 -15.16 -18.92
C HIS A 181 -14.89 -16.17 -17.99
N LYS A 182 -15.40 -17.35 -18.07
CA LYS A 182 -14.77 -18.45 -17.39
C LYS A 182 -13.77 -19.16 -18.32
N GLN A 183 -12.88 -19.93 -17.73
CA GLN A 183 -11.76 -20.45 -18.43
C GLN A 183 -11.66 -21.96 -18.24
N GLY A 184 -10.89 -22.63 -19.06
CA GLY A 184 -10.89 -24.12 -18.87
C GLY A 184 -11.97 -24.68 -19.79
N HIS A 185 -11.86 -25.95 -20.10
CA HIS A 185 -12.89 -26.57 -20.98
C HIS A 185 -14.26 -26.57 -20.34
N PRO A 186 -15.33 -26.25 -21.09
CA PRO A 186 -16.66 -26.23 -20.49
C PRO A 186 -17.07 -27.49 -19.77
N ASN A 187 -16.56 -28.62 -20.22
CA ASN A 187 -16.86 -29.89 -19.60
C ASN A 187 -15.79 -30.43 -18.62
N GLU A 188 -14.82 -29.61 -18.21
CA GLU A 188 -13.86 -30.16 -17.31
C GLU A 188 -14.55 -30.46 -15.99
N LYS A 189 -14.00 -31.40 -15.25
CA LYS A 189 -14.57 -31.73 -13.96
C LYS A 189 -13.40 -32.02 -13.01
N GLU A 190 -13.50 -31.44 -11.82
CA GLU A 190 -12.56 -31.76 -10.74
C GLU A 190 -12.84 -33.15 -10.19
N THR A 191 -11.83 -34.00 -10.16
CA THR A 191 -11.99 -35.23 -9.43
C THR A 191 -11.48 -35.17 -8.00
N LEU A 192 -10.71 -34.15 -7.66
CA LEU A 192 -10.40 -33.80 -6.29
C LEU A 192 -10.84 -32.41 -6.08
N GLU A 193 -11.81 -32.22 -5.17
CA GLU A 193 -12.45 -30.90 -5.03
C GLU A 193 -11.42 -29.77 -4.77
N GLY A 194 -11.54 -28.67 -5.51
CA GLY A 194 -10.74 -27.51 -5.31
C GLY A 194 -9.55 -27.38 -6.23
N ALA A 195 -9.24 -28.41 -7.03
CA ALA A 195 -8.00 -28.37 -7.85
C ALA A 195 -7.91 -27.12 -8.71
N ARG A 196 -9.06 -26.65 -9.28
CA ARG A 196 -9.02 -25.52 -10.19
C ARG A 196 -8.96 -24.19 -9.48
N GLY A 197 -8.95 -24.18 -8.14
CA GLY A 197 -8.86 -22.95 -7.44
C GLY A 197 -10.11 -22.15 -7.24
N ALA A 198 -9.94 -20.91 -6.80
CA ALA A 198 -11.04 -20.02 -6.62
C ALA A 198 -11.21 -19.30 -7.97
N SER A 199 -12.31 -18.58 -8.08
CA SER A 199 -12.58 -17.82 -9.32
C SER A 199 -13.07 -16.40 -8.93
N TYR A 200 -12.48 -15.36 -9.50
CA TYR A 200 -12.97 -14.04 -9.37
C TYR A 200 -13.31 -13.57 -10.74
N ASP A 201 -14.59 -13.34 -10.99
CA ASP A 201 -15.01 -13.00 -12.37
C ASP A 201 -14.46 -13.92 -13.43
N GLY A 202 -14.35 -15.20 -13.11
CA GLY A 202 -13.85 -16.19 -14.03
C GLY A 202 -12.33 -16.39 -13.98
N ILE A 203 -11.61 -15.49 -13.33
CA ILE A 203 -10.18 -15.61 -13.18
C ILE A 203 -9.80 -16.60 -12.08
N PRO A 204 -9.06 -17.66 -12.40
CA PRO A 204 -8.69 -18.60 -11.34
C PRO A 204 -7.63 -18.00 -10.47
N ILE A 205 -7.73 -18.30 -9.15
CA ILE A 205 -6.75 -17.80 -8.20
C ILE A 205 -6.39 -19.04 -7.35
N HIS A 206 -5.10 -19.22 -7.17
CA HIS A 206 -4.57 -20.36 -6.39
C HIS A 206 -3.68 -19.78 -5.27
N SER A 207 -3.75 -20.36 -4.08
CA SER A 207 -3.07 -19.90 -2.84
C SER A 207 -2.19 -20.97 -2.23
N VAL A 208 -0.89 -20.72 -2.25
CA VAL A 208 0.15 -21.57 -1.71
C VAL A 208 0.57 -21.06 -0.33
N ARG A 209 0.73 -21.95 0.66
CA ARG A 209 1.09 -21.62 2.02
C ARG A 209 2.13 -22.54 2.59
N LEU A 210 3.40 -22.07 2.64
CA LEU A 210 4.47 -22.94 2.99
C LEU A 210 5.47 -22.18 3.90
N PRO A 211 6.06 -22.91 4.83
CA PRO A 211 7.16 -22.31 5.56
C PRO A 211 8.23 -21.94 4.64
N GLY A 212 8.88 -20.84 4.93
CA GLY A 212 9.98 -20.43 4.08
C GLY A 212 9.60 -19.24 3.25
N LEU A 213 8.37 -19.28 2.75
CA LEU A 213 7.92 -18.20 1.84
C LEU A 213 7.57 -16.97 2.61
N ILE A 214 7.63 -15.82 1.91
CA ILE A 214 7.23 -14.57 2.52
C ILE A 214 5.96 -14.07 1.82
N ALA A 215 6.12 -13.40 0.69
CA ALA A 215 4.98 -12.95 -0.08
C ALA A 215 5.35 -12.89 -1.53
N HIS A 216 4.58 -13.60 -2.37
CA HIS A 216 4.95 -13.86 -3.75
C HIS A 216 3.71 -13.95 -4.63
N GLN A 217 3.77 -13.41 -5.83
CA GLN A 217 2.63 -13.57 -6.72
C GLN A 217 3.13 -13.73 -8.17
N GLN A 218 2.46 -14.65 -8.94
CA GLN A 218 2.71 -14.71 -10.33
C GLN A 218 1.36 -14.57 -11.03
N ILE A 219 1.38 -13.86 -12.15
CA ILE A 219 0.24 -13.74 -13.03
C ILE A 219 0.57 -14.30 -14.36
N LEU A 220 -0.21 -15.34 -14.79
CA LEU A 220 0.12 -16.12 -15.97
C LEU A 220 -0.92 -15.78 -17.06
N PHE A 221 -0.47 -15.25 -18.18
CA PHE A 221 -1.30 -14.89 -19.33
C PHE A 221 -1.05 -15.87 -20.49
N GLY A 222 -2.05 -16.66 -20.86
CA GLY A 222 -1.89 -17.69 -21.85
C GLY A 222 -2.32 -17.09 -23.18
N GLY A 223 -1.80 -17.62 -24.26
CA GLY A 223 -2.36 -17.35 -25.57
C GLY A 223 -1.78 -18.40 -26.46
N GLU A 224 -2.17 -18.40 -27.72
CA GLU A 224 -1.67 -19.38 -28.67
C GLU A 224 -0.16 -19.41 -28.72
N GLY A 225 0.39 -20.57 -28.50
CA GLY A 225 1.78 -20.73 -28.60
C GLY A 225 2.70 -19.98 -27.62
N GLN A 226 2.15 -19.43 -26.53
CA GLN A 226 3.01 -18.61 -25.66
C GLN A 226 2.44 -18.44 -24.28
N LEU A 227 3.29 -17.96 -23.37
CA LEU A 227 2.90 -17.65 -22.00
C LEU A 227 3.63 -16.37 -21.63
N PHE A 228 2.92 -15.38 -21.05
CA PHE A 228 3.51 -14.16 -20.64
C PHE A 228 3.25 -14.09 -19.12
N THR A 229 4.31 -13.98 -18.30
CA THR A 229 4.17 -14.03 -16.88
C THR A 229 4.74 -12.79 -16.22
N LEU A 230 4.02 -12.25 -15.22
CA LEU A 230 4.50 -11.19 -14.38
C LEU A 230 4.66 -11.80 -12.99
N ARG A 231 5.74 -11.49 -12.28
CA ARG A 231 5.99 -12.08 -10.97
C ARG A 231 6.62 -11.06 -10.04
N HIS A 232 6.19 -11.11 -8.79
CA HIS A 232 6.77 -10.25 -7.75
C HIS A 232 7.09 -11.17 -6.57
N ASP A 233 8.28 -11.04 -6.03
CA ASP A 233 8.74 -11.76 -4.83
C ASP A 233 9.18 -10.72 -3.77
N SER A 234 8.63 -10.81 -2.57
CA SER A 234 9.00 -9.81 -1.49
C SER A 234 9.66 -10.66 -0.44
N TYR A 235 10.87 -10.31 -0.02
CA TYR A 235 11.53 -11.07 1.00
C TYR A 235 11.44 -10.32 2.39
N ASN A 236 11.05 -9.06 2.47
CA ASN A 236 10.99 -8.40 3.79
C ASN A 236 10.28 -7.08 3.58
N ARG A 237 10.11 -6.26 4.63
CA ARG A 237 9.33 -5.01 4.52
C ARG A 237 10.11 -3.88 3.83
N GLN A 238 11.36 -4.12 3.47
CA GLN A 238 12.02 -3.15 2.67
C GLN A 238 11.36 -3.13 1.27
N SER A 239 10.61 -4.19 0.93
CA SER A 239 9.95 -4.18 -0.40
C SER A 239 8.94 -2.96 -0.64
N PHE A 240 8.46 -2.51 0.49
CA PHE A 240 7.57 -1.36 0.58
C PHE A 240 8.21 -0.04 0.45
N MET A 241 9.51 0.03 0.53
CA MET A 241 10.14 1.32 0.82
C MET A 241 10.30 2.17 -0.41
N SER A 242 10.28 1.57 -1.61
CA SER A 242 10.59 2.43 -2.74
C SER A 242 9.31 3.15 -3.05
N GLY A 243 8.15 2.54 -2.67
CA GLY A 243 6.89 3.12 -2.72
C GLY A 243 6.72 4.27 -1.73
N VAL A 244 7.24 4.06 -0.54
CA VAL A 244 7.24 5.22 0.47
C VAL A 244 8.01 6.33 -0.10
N THR A 245 9.22 6.04 -0.59
CA THR A 245 10.07 7.09 -1.22
C THR A 245 9.44 7.82 -2.38
N PHE A 246 8.91 7.05 -3.35
CA PHE A 246 8.20 7.60 -4.52
C PHE A 246 6.99 8.45 -4.06
N SER A 247 6.27 7.98 -3.08
CA SER A 247 5.05 8.71 -2.64
C SER A 247 5.39 10.05 -2.04
N ILE A 248 6.41 10.06 -1.21
CA ILE A 248 6.82 11.34 -0.60
C ILE A 248 7.34 12.31 -1.67
N ASN A 249 8.18 11.80 -2.61
CA ASN A 249 8.64 12.67 -3.67
C ASN A 249 7.50 13.20 -4.56
N GLN A 250 6.61 12.33 -4.96
CA GLN A 250 5.52 12.63 -5.90
C GLN A 250 4.39 13.43 -5.31
N VAL A 251 4.16 13.29 -4.00
CA VAL A 251 3.06 14.11 -3.42
C VAL A 251 3.33 15.62 -3.54
N MET A 252 4.62 16.01 -3.51
CA MET A 252 5.04 17.39 -3.59
C MET A 252 4.77 17.95 -4.99
N GLU A 253 4.62 17.09 -5.98
CA GLU A 253 4.50 17.51 -7.39
C GLU A 253 3.06 17.58 -7.90
N ILE A 254 2.12 16.99 -7.19
CA ILE A 254 0.74 16.86 -7.67
C ILE A 254 -0.12 17.83 -6.87
N LYS A 255 -1.33 18.13 -7.36
CA LYS A 255 -2.16 19.12 -6.68
C LYS A 255 -3.55 18.59 -6.45
N GLU A 256 -3.68 17.29 -6.22
CA GLU A 256 -4.94 16.67 -6.02
C GLU A 256 -4.66 15.36 -5.27
N LEU A 257 -5.72 14.70 -4.83
CA LEU A 257 -5.67 13.44 -4.15
C LEU A 257 -5.64 12.29 -5.15
N VAL A 258 -4.69 11.40 -5.00
CA VAL A 258 -4.62 10.14 -5.79
C VAL A 258 -4.74 8.97 -4.92
N TYR A 259 -5.67 8.05 -5.26
CA TYR A 259 -5.89 6.86 -4.47
C TYR A 259 -5.31 5.65 -5.21
N GLY A 260 -4.28 5.01 -4.64
CA GLY A 260 -3.62 3.81 -5.29
C GLY A 260 -2.47 4.25 -6.16
N LEU A 261 -1.30 3.76 -5.83
CA LEU A 261 -0.11 4.04 -6.60
C LEU A 261 -0.16 3.63 -8.07
N GLU A 262 -1.02 2.67 -8.40
CA GLU A 262 -1.24 2.38 -9.83
C GLU A 262 -1.68 3.56 -10.63
N ASN A 263 -2.29 4.53 -9.98
CA ASN A 263 -2.76 5.72 -10.66
C ASN A 263 -1.77 6.77 -10.86
N ILE A 264 -0.57 6.57 -10.35
CA ILE A 264 0.51 7.53 -10.62
C ILE A 264 1.89 6.99 -11.06
N LEU A 265 2.17 5.71 -10.86
CA LEU A 265 3.39 5.09 -11.44
C LEU A 265 3.51 5.15 -13.00
N1 PDC B . -0.27 -10.53 3.01
C2 PDC B . 0.88 -10.66 3.67
C3 PDC B . 2.00 -9.97 3.28
C4 PDC B . 1.96 -9.15 2.17
C5 PDC B . 0.75 -9.05 1.49
C6 PDC B . -0.37 -9.76 1.94
C7 PDC B . 0.90 -11.55 4.87
O1 PDC B . -0.17 -11.94 5.31
O2 PDC B . 1.98 -11.86 5.36
C8 PDC B . -1.70 -9.70 1.23
O3 PDC B . -2.68 -10.08 1.87
O4 PDC B . -1.74 -9.34 0.06
#